data_4MM9
#
_entry.id   4MM9
#
_cell.length_a   90.810
_cell.length_b   88.070
_cell.length_c   81.500
_cell.angle_alpha   90.00
_cell.angle_beta   94.76
_cell.angle_gamma   90.00
#
_symmetry.space_group_name_H-M   'C 1 2 1'
#
loop_
_entity.id
_entity.type
_entity.pdbx_description
1 polymer Transporter
2 non-polymer 'SODIUM ION'
3 non-polymer Fluvoxamine
4 water water
#
_entity_poly.entity_id   1
_entity_poly.type   'polypeptide(L)'
_entity_poly.pdbx_seq_one_letter_code
;MEVKREHWATRLGLILAMAGYAVDLGNFLRFPVQAAENGGGAFMIPYIIAFLLVGIPLMWIEWAMGRYGGAQGHGTTPAI
FYLLWRNRFAKILGVFGLWIPLVVASYYVYIESWTLGFAIKFLVGLVPEPPPNATDPDSILRPFKEFLYSYIGVPKGDEP
ILKPSLFAYIVFLITMFINVSILIRGISKGIERFAKIAMPTLFILAVFLVIRVFLLETPNGTAADGLNFLWTPDFEKLKD
PGVWIAAVGQIFFSLGLGFGVLITFASYVRKDQDIVLSGLTAATLNEKASVILGGSISIPAAVAFFGVANAVAIAKAGAF
NLGFITLPAIFSQTAGGTFLGFLWFFLLFFAGLTSSIAGMQGMIAFLEDELKLSRKHAVLWTAAIVFFSAHLVMFLNKSL
DEMDFWATGIGVVFFGLTELIIFFWIFGADKAWEEINRGGIIKVPRIYYYVMRYITPAFLAVLLVVWAREYIPKIMEETH
WTVWITRFYIIGLFLFLTFLVFLAERRRNHESAGTLVPR
;
_entity_poly.pdbx_strand_id   A
#
# COMPACT_ATOMS: atom_id res chain seq x y z
N ARG A 5 5.08 8.42 25.91
CA ARG A 5 4.78 7.99 24.56
C ARG A 5 4.52 9.17 23.64
N GLU A 6 5.00 9.07 22.40
CA GLU A 6 4.80 10.12 21.40
C GLU A 6 3.34 10.23 20.99
N HIS A 7 2.95 11.38 20.44
CA HIS A 7 1.58 11.60 20.01
C HIS A 7 1.51 12.50 18.78
N TRP A 8 0.40 12.42 18.05
CA TRP A 8 0.14 13.31 16.93
C TRP A 8 -0.17 14.70 17.47
N ALA A 9 0.44 15.73 16.90
CA ALA A 9 0.24 17.09 17.35
C ALA A 9 -1.14 17.61 16.98
N THR A 10 -1.43 17.61 15.68
CA THR A 10 -2.67 18.17 15.16
C THR A 10 -3.60 17.10 14.61
N ARG A 11 -4.90 17.38 14.60
CA ARG A 11 -5.87 16.46 14.03
C ARG A 11 -5.74 16.43 12.50
N LEU A 12 -5.32 17.56 11.95
CA LEU A 12 -5.11 17.66 10.51
C LEU A 12 -4.00 16.71 10.05
N GLY A 13 -2.83 16.84 10.67
CA GLY A 13 -1.68 16.03 10.35
C GLY A 13 -1.97 14.54 10.48
N LEU A 14 -2.74 14.19 11.51
CA LEU A 14 -3.16 12.81 11.74
C LEU A 14 -3.89 12.24 10.52
N ILE A 15 -4.87 12.98 10.04
CA ILE A 15 -5.63 12.57 8.86
C ILE A 15 -4.74 12.52 7.64
N LEU A 16 -3.83 13.48 7.53
CA LEU A 16 -2.93 13.57 6.39
C LEU A 16 -1.92 12.42 6.36
N ALA A 17 -1.48 11.99 7.53
CA ALA A 17 -0.55 10.88 7.64
C ALA A 17 -1.25 9.56 7.35
N MET A 18 -2.46 9.41 7.91
CA MET A 18 -3.28 8.23 7.67
C MET A 18 -3.67 8.15 6.20
N ALA A 19 -3.96 9.31 5.60
CA ALA A 19 -4.24 9.36 4.18
C ALA A 19 -2.93 9.20 3.41
N GLY A 20 -1.85 9.73 3.98
CA GLY A 20 -0.52 9.60 3.40
C GLY A 20 -0.17 8.15 3.19
N TYR A 21 -0.44 7.34 4.20
CA TYR A 21 -0.25 5.90 4.11
C TYR A 21 -1.13 5.30 3.02
N ALA A 22 -2.44 5.51 3.13
CA ALA A 22 -3.43 4.92 2.23
C ALA A 22 -3.19 5.25 0.75
N VAL A 23 -2.93 6.53 0.45
CA VAL A 23 -2.66 6.92 -0.92
C VAL A 23 -1.25 6.53 -1.35
N ASP A 24 -1.15 5.67 -2.36
CA ASP A 24 0.12 5.42 -3.04
C ASP A 24 -0.09 4.95 -4.49
N LEU A 25 0.93 4.31 -5.06
CA LEU A 25 0.93 3.88 -6.46
C LEU A 25 -0.34 3.14 -6.90
N GLY A 26 -0.96 2.40 -5.98
CA GLY A 26 -2.17 1.66 -6.28
C GLY A 26 -3.34 2.54 -6.69
N ASN A 27 -3.46 3.70 -6.06
CA ASN A 27 -4.53 4.63 -6.38
C ASN A 27 -4.49 5.09 -7.83
N PHE A 28 -3.27 5.33 -8.32
CA PHE A 28 -3.08 5.87 -9.66
C PHE A 28 -2.89 4.79 -10.73
N LEU A 29 -2.59 3.58 -10.30
CA LEU A 29 -2.27 2.51 -11.25
C LEU A 29 -3.11 1.26 -11.09
N ARG A 30 -3.13 0.67 -9.90
CA ARG A 30 -3.84 -0.59 -9.68
C ARG A 30 -5.35 -0.43 -9.82
N PHE A 31 -5.91 0.51 -9.07
CA PHE A 31 -7.36 0.78 -9.09
C PHE A 31 -7.96 1.03 -10.49
N PRO A 32 -7.33 1.91 -11.30
CA PRO A 32 -7.90 2.15 -12.64
C PRO A 32 -7.91 0.90 -13.52
N VAL A 33 -6.96 0.01 -13.32
CA VAL A 33 -6.89 -1.23 -14.11
C VAL A 33 -7.99 -2.20 -13.69
N GLN A 34 -8.18 -2.34 -12.38
CA GLN A 34 -9.19 -3.24 -11.84
C GLN A 34 -10.59 -2.83 -12.27
N ALA A 35 -10.83 -1.53 -12.31
CA ALA A 35 -12.13 -1.00 -12.69
C ALA A 35 -12.46 -1.30 -14.14
N ALA A 36 -11.52 -1.01 -15.03
CA ALA A 36 -11.72 -1.22 -16.47
C ALA A 36 -11.89 -2.69 -16.83
N GLU A 37 -11.24 -3.57 -16.07
CA GLU A 37 -11.30 -5.00 -16.32
C GLU A 37 -12.53 -5.65 -15.72
N ASN A 38 -13.20 -4.94 -14.82
CA ASN A 38 -14.33 -5.50 -14.10
C ASN A 38 -15.60 -4.66 -14.16
N GLY A 39 -15.97 -4.24 -15.37
CA GLY A 39 -17.25 -3.56 -15.57
C GLY A 39 -17.18 -2.06 -15.76
N GLY A 40 -15.98 -1.50 -15.66
CA GLY A 40 -15.79 -0.07 -15.84
C GLY A 40 -16.46 0.76 -14.77
N GLY A 41 -17.54 1.45 -15.14
CA GLY A 41 -18.29 2.24 -14.20
C GLY A 41 -19.18 1.36 -13.34
N ALA A 42 -19.52 0.18 -13.87
CA ALA A 42 -20.34 -0.78 -13.15
C ALA A 42 -19.55 -1.39 -11.99
N PHE A 43 -18.22 -1.25 -12.04
CA PHE A 43 -17.36 -1.73 -10.97
C PHE A 43 -17.53 -0.89 -9.71
N MET A 44 -18.13 0.28 -9.86
CA MET A 44 -18.38 1.15 -8.72
C MET A 44 -19.45 0.61 -7.79
N ILE A 45 -20.32 -0.26 -8.31
CA ILE A 45 -21.36 -0.87 -7.49
C ILE A 45 -20.81 -1.81 -6.41
N PRO A 46 -20.01 -2.82 -6.79
CA PRO A 46 -19.49 -3.70 -5.73
C PRO A 46 -18.37 -3.05 -4.92
N TYR A 47 -17.70 -2.06 -5.50
CA TYR A 47 -16.58 -1.41 -4.84
C TYR A 47 -17.04 -0.52 -3.68
N ILE A 48 -18.16 0.15 -3.88
CA ILE A 48 -18.72 1.01 -2.84
C ILE A 48 -19.35 0.19 -1.73
N ILE A 49 -20.02 -0.90 -2.12
CA ILE A 49 -20.60 -1.83 -1.14
C ILE A 49 -19.52 -2.42 -0.25
N ALA A 50 -18.41 -2.82 -0.86
CA ALA A 50 -17.29 -3.36 -0.11
C ALA A 50 -16.66 -2.29 0.79
N PHE A 51 -16.72 -1.05 0.33
CA PHE A 51 -16.22 0.07 1.11
C PHE A 51 -17.08 0.26 2.36
N LEU A 52 -18.35 -0.09 2.25
CA LEU A 52 -19.31 0.11 3.33
C LEU A 52 -19.43 -1.09 4.27
N LEU A 53 -19.27 -2.29 3.72
CA LEU A 53 -19.47 -3.50 4.52
C LEU A 53 -18.17 -4.11 5.03
N VAL A 54 -17.05 -3.69 4.44
CA VAL A 54 -15.76 -4.25 4.83
C VAL A 54 -14.74 -3.18 5.18
N GLY A 55 -14.45 -2.30 4.23
CA GLY A 55 -13.42 -1.29 4.39
C GLY A 55 -13.64 -0.36 5.58
N ILE A 56 -14.79 0.29 5.59
CA ILE A 56 -15.13 1.18 6.69
C ILE A 56 -15.22 0.47 8.05
N PRO A 57 -15.98 -0.65 8.14
CA PRO A 57 -15.99 -1.32 9.45
C PRO A 57 -14.61 -1.74 9.93
N LEU A 58 -13.80 -2.35 9.06
CA LEU A 58 -12.47 -2.81 9.45
C LEU A 58 -11.49 -1.67 9.76
N MET A 59 -11.67 -0.53 9.09
CA MET A 59 -10.82 0.63 9.36
C MET A 59 -11.00 1.10 10.80
N TRP A 60 -12.26 1.20 11.21
CA TRP A 60 -12.59 1.67 12.55
C TRP A 60 -12.02 0.75 13.61
N ILE A 61 -11.95 -0.54 13.29
CA ILE A 61 -11.49 -1.54 14.24
C ILE A 61 -9.99 -1.45 14.48
N GLU A 62 -9.22 -1.28 13.41
CA GLU A 62 -7.78 -1.11 13.54
C GLU A 62 -7.43 0.20 14.22
N TRP A 63 -8.26 1.22 14.04
CA TRP A 63 -8.10 2.48 14.76
C TRP A 63 -8.38 2.25 16.24
N ALA A 64 -9.40 1.45 16.54
CA ALA A 64 -9.78 1.16 17.90
C ALA A 64 -8.71 0.37 18.64
N MET A 65 -8.27 -0.73 18.02
CA MET A 65 -7.22 -1.57 18.59
C MET A 65 -5.95 -0.78 18.85
N GLY A 66 -5.63 0.11 17.92
CA GLY A 66 -4.45 0.95 18.03
C GLY A 66 -4.52 1.83 19.27
N ARG A 67 -5.56 2.66 19.33
CA ARG A 67 -5.74 3.58 20.45
C ARG A 67 -5.85 2.84 21.78
N TYR A 68 -6.57 1.73 21.77
CA TYR A 68 -6.73 0.91 22.96
C TYR A 68 -5.37 0.43 23.48
N GLY A 69 -4.49 0.08 22.56
CA GLY A 69 -3.16 -0.39 22.92
C GLY A 69 -2.21 0.74 23.21
N GLY A 70 -2.39 1.86 22.51
CA GLY A 70 -1.52 3.01 22.68
C GLY A 70 -1.65 3.62 24.06
N ALA A 71 -2.84 3.53 24.64
CA ALA A 71 -3.07 4.03 25.98
C ALA A 71 -2.31 3.22 27.02
N GLN A 72 -1.95 1.99 26.65
CA GLN A 72 -1.22 1.11 27.55
C GLN A 72 0.25 0.97 27.13
N GLY A 73 0.68 1.84 26.22
CA GLY A 73 2.08 1.91 25.82
C GLY A 73 2.52 0.82 24.86
N HIS A 74 1.58 0.30 24.08
CA HIS A 74 1.89 -0.75 23.11
C HIS A 74 1.28 -0.45 21.73
N GLY A 75 2.13 -0.34 20.72
CA GLY A 75 1.67 0.02 19.39
C GLY A 75 1.56 -1.12 18.40
N THR A 76 2.00 -2.32 18.81
CA THR A 76 2.02 -3.46 17.90
C THR A 76 1.08 -4.59 18.31
N THR A 77 0.75 -5.46 17.36
CA THR A 77 -0.18 -6.57 17.58
C THR A 77 0.28 -7.73 18.49
N PRO A 78 1.59 -8.00 18.60
CA PRO A 78 1.94 -9.04 19.57
C PRO A 78 1.52 -8.69 20.99
N ALA A 79 1.62 -7.42 21.36
CA ALA A 79 1.20 -6.96 22.67
C ALA A 79 -0.31 -6.74 22.72
N ILE A 80 -0.85 -6.03 21.71
CA ILE A 80 -2.26 -5.69 21.67
C ILE A 80 -3.18 -6.91 21.63
N PHE A 81 -2.84 -7.91 20.81
CA PHE A 81 -3.62 -9.14 20.78
C PHE A 81 -3.58 -9.82 22.14
N TYR A 82 -2.49 -9.65 22.88
CA TYR A 82 -2.37 -10.21 24.22
C TYR A 82 -3.17 -9.39 25.24
N LEU A 83 -3.63 -8.21 24.84
CA LEU A 83 -4.45 -7.39 25.71
C LEU A 83 -5.94 -7.60 25.41
N LEU A 84 -6.24 -7.98 24.18
CA LEU A 84 -7.61 -8.27 23.77
C LEU A 84 -7.93 -9.72 24.10
N TRP A 85 -6.85 -10.51 24.21
CA TRP A 85 -6.92 -11.95 24.43
C TRP A 85 -5.70 -12.41 25.25
N ARG A 86 -5.90 -12.65 26.55
CA ARG A 86 -4.79 -13.12 27.37
C ARG A 86 -4.44 -14.59 27.11
N ASN A 87 -3.50 -14.78 26.17
CA ASN A 87 -3.15 -16.09 25.63
C ASN A 87 -1.75 -16.12 25.00
N ARG A 88 -1.17 -17.30 24.87
CA ARG A 88 0.13 -17.45 24.21
C ARG A 88 -0.04 -17.44 22.69
N PHE A 89 -1.14 -18.00 22.22
CA PHE A 89 -1.43 -18.05 20.78
C PHE A 89 -1.75 -16.65 20.25
N ALA A 90 -2.14 -15.76 21.15
CA ALA A 90 -2.44 -14.37 20.77
C ALA A 90 -1.15 -13.61 20.50
N LYS A 91 -0.09 -13.95 21.22
CA LYS A 91 1.21 -13.33 21.00
C LYS A 91 1.84 -13.81 19.70
N ILE A 92 1.56 -15.06 19.34
CA ILE A 92 2.11 -15.65 18.12
C ILE A 92 1.40 -15.10 16.89
N LEU A 93 0.07 -15.08 16.93
CA LEU A 93 -0.71 -14.49 15.85
C LEU A 93 -0.39 -13.00 15.72
N GLY A 94 0.06 -12.39 16.82
CA GLY A 94 0.43 -11.00 16.82
C GLY A 94 1.68 -10.71 16.02
N VAL A 95 2.60 -11.67 15.98
CA VAL A 95 3.84 -11.56 15.23
C VAL A 95 3.60 -11.34 13.75
N PHE A 96 2.53 -11.95 13.23
CA PHE A 96 2.13 -11.78 11.83
C PHE A 96 1.98 -10.30 11.46
N GLY A 97 1.36 -9.51 12.35
CA GLY A 97 1.22 -8.07 12.13
C GLY A 97 2.51 -7.28 12.31
N LEU A 98 3.60 -7.99 12.63
CA LEU A 98 4.92 -7.37 12.71
C LEU A 98 5.70 -7.88 11.50
N TRP A 99 5.32 -9.07 11.05
CA TRP A 99 5.95 -9.74 9.93
C TRP A 99 5.49 -9.17 8.59
N ILE A 100 4.18 -9.01 8.43
CA ILE A 100 3.60 -8.58 7.16
C ILE A 100 4.18 -7.27 6.58
N PRO A 101 4.16 -6.17 7.36
CA PRO A 101 4.70 -4.94 6.77
C PRO A 101 6.22 -4.99 6.59
N LEU A 102 6.89 -5.78 7.43
CA LEU A 102 8.34 -5.92 7.33
C LEU A 102 8.72 -6.64 6.03
N VAL A 103 7.89 -7.60 5.61
CA VAL A 103 8.10 -8.30 4.36
C VAL A 103 7.85 -7.36 3.17
N VAL A 104 6.73 -6.64 3.23
CA VAL A 104 6.36 -5.70 2.18
C VAL A 104 7.46 -4.65 1.99
N ALA A 105 7.91 -4.08 3.10
CA ALA A 105 8.98 -3.09 3.08
C ALA A 105 10.25 -3.57 2.37
N SER A 106 10.54 -4.88 2.45
CA SER A 106 11.70 -5.45 1.76
C SER A 106 11.66 -5.28 0.24
N TYR A 107 10.45 -5.20 -0.32
CA TYR A 107 10.31 -4.94 -1.76
C TYR A 107 9.72 -3.56 -2.07
N TYR A 108 8.87 -3.05 -1.17
CA TYR A 108 8.18 -1.79 -1.39
C TYR A 108 9.12 -0.60 -1.48
N VAL A 109 10.05 -0.47 -0.53
CA VAL A 109 11.00 0.64 -0.52
C VAL A 109 11.88 0.65 -1.77
N TYR A 110 12.25 -0.53 -2.25
CA TYR A 110 13.10 -0.66 -3.43
C TYR A 110 12.39 -0.19 -4.69
N ILE A 111 11.15 -0.60 -4.88
CA ILE A 111 10.34 -0.14 -6.00
C ILE A 111 10.11 1.38 -5.89
N GLU A 112 9.97 1.86 -4.66
CA GLU A 112 9.86 3.29 -4.40
C GLU A 112 11.11 4.01 -4.91
N SER A 113 12.26 3.33 -4.83
CA SER A 113 13.51 3.92 -5.28
C SER A 113 13.56 4.04 -6.80
N TRP A 114 12.83 3.16 -7.49
CA TRP A 114 12.78 3.17 -8.96
C TRP A 114 12.20 4.48 -9.44
N THR A 115 11.04 4.82 -8.88
CA THR A 115 10.35 6.06 -9.21
C THR A 115 11.27 7.26 -9.01
N LEU A 116 12.00 7.26 -7.90
CA LEU A 116 12.96 8.33 -7.60
C LEU A 116 14.06 8.38 -8.66
N GLY A 117 14.63 7.22 -8.97
CA GLY A 117 15.69 7.14 -9.97
C GLY A 117 15.19 7.59 -11.33
N PHE A 118 14.04 7.07 -11.73
CA PHE A 118 13.39 7.48 -12.98
C PHE A 118 13.12 8.97 -12.99
N ALA A 119 12.60 9.49 -11.88
CA ALA A 119 12.33 10.92 -11.74
C ALA A 119 13.61 11.72 -11.98
N ILE A 120 14.72 11.22 -11.45
CA ILE A 120 16.01 11.87 -11.65
C ILE A 120 16.45 11.78 -13.11
N LYS A 121 16.40 10.57 -13.68
CA LYS A 121 16.79 10.36 -15.07
C LYS A 121 15.91 11.16 -16.02
N PHE A 122 14.63 11.29 -15.68
CA PHE A 122 13.70 12.05 -16.51
C PHE A 122 13.94 13.56 -16.41
N LEU A 123 14.21 14.02 -15.19
CA LEU A 123 14.45 15.43 -14.94
C LEU A 123 15.69 15.94 -15.65
N VAL A 124 16.73 15.12 -15.70
CA VAL A 124 17.98 15.51 -16.35
C VAL A 124 17.96 15.16 -17.83
N GLY A 125 16.92 14.46 -18.26
CA GLY A 125 16.78 14.10 -19.66
C GLY A 125 17.57 12.86 -20.06
N LEU A 126 17.92 12.03 -19.09
CA LEU A 126 18.61 10.79 -19.38
C LEU A 126 17.61 9.66 -19.61
N VAL A 127 16.85 9.78 -20.71
CA VAL A 127 15.78 8.85 -21.05
C VAL A 127 15.81 8.55 -22.54
N PRO A 128 15.27 7.39 -22.96
CA PRO A 128 15.28 7.02 -24.37
C PRO A 128 14.47 7.96 -25.25
N GLU A 129 14.86 8.09 -26.51
CA GLU A 129 14.17 8.97 -27.44
C GLU A 129 13.89 8.28 -28.77
N PRO A 130 12.69 7.68 -28.89
CA PRO A 130 12.21 7.03 -30.11
C PRO A 130 11.68 8.07 -31.11
N PRO A 131 11.61 7.70 -32.41
CA PRO A 131 11.97 6.42 -33.02
C PRO A 131 13.48 6.21 -33.10
N THR A 135 5.77 6.34 -35.19
CA THR A 135 5.68 5.26 -36.15
C THR A 135 4.70 4.19 -35.70
N ASP A 136 5.21 3.15 -35.05
CA ASP A 136 4.39 2.04 -34.58
C ASP A 136 4.55 1.83 -33.07
N PRO A 137 3.51 1.30 -32.41
CA PRO A 137 3.48 1.16 -30.94
C PRO A 137 4.62 0.33 -30.34
N ASP A 138 5.04 -0.73 -31.02
CA ASP A 138 6.12 -1.56 -30.48
C ASP A 138 7.48 -0.91 -30.69
N SER A 139 7.54 0.06 -31.61
CA SER A 139 8.76 0.79 -31.87
C SER A 139 8.96 1.91 -30.85
N ILE A 140 7.88 2.25 -30.15
CA ILE A 140 7.93 3.30 -29.14
C ILE A 140 8.13 2.69 -27.74
N LEU A 141 7.42 1.61 -27.47
CA LEU A 141 7.45 0.97 -26.17
C LEU A 141 8.78 0.26 -25.89
N ARG A 142 9.33 -0.41 -26.90
CA ARG A 142 10.55 -1.19 -26.73
C ARG A 142 11.79 -0.43 -26.20
N PRO A 143 12.03 0.80 -26.70
CA PRO A 143 13.13 1.55 -26.10
C PRO A 143 12.93 1.86 -24.61
N PHE A 144 11.68 1.89 -24.16
CA PHE A 144 11.39 2.13 -22.75
C PHE A 144 11.23 0.82 -21.96
N LYS A 145 10.75 -0.21 -22.63
CA LYS A 145 10.69 -1.54 -22.05
C LYS A 145 12.11 -1.93 -21.67
N GLU A 146 13.05 -1.66 -22.57
CA GLU A 146 14.46 -1.96 -22.34
C GLU A 146 15.09 -1.00 -21.34
N PHE A 147 14.57 0.22 -21.27
CA PHE A 147 15.08 1.22 -20.34
C PHE A 147 14.82 0.76 -18.90
N LEU A 148 13.62 0.24 -18.68
CA LEU A 148 13.23 -0.27 -17.38
C LEU A 148 14.03 -1.52 -17.03
N TYR A 149 14.17 -2.42 -17.99
CA TYR A 149 14.84 -3.69 -17.77
C TYR A 149 16.33 -3.55 -17.44
N SER A 150 16.94 -2.45 -17.86
CA SER A 150 18.35 -2.22 -17.58
C SER A 150 18.53 -1.62 -16.18
N TYR A 151 17.48 -0.95 -15.70
CA TYR A 151 17.50 -0.39 -14.37
C TYR A 151 17.33 -1.51 -13.34
N ILE A 152 16.35 -2.37 -13.60
CA ILE A 152 16.05 -3.50 -12.72
C ILE A 152 17.11 -4.57 -12.84
N GLY A 153 17.56 -4.81 -14.06
CA GLY A 153 18.53 -5.87 -14.32
C GLY A 153 17.83 -7.16 -14.68
N VAL A 154 16.70 -7.04 -15.36
CA VAL A 154 15.91 -8.19 -15.81
C VAL A 154 16.79 -9.19 -16.56
N PRO A 155 16.81 -10.45 -16.09
CA PRO A 155 17.68 -11.51 -16.62
C PRO A 155 17.56 -11.69 -18.13
N LYS A 156 18.71 -11.80 -18.80
CA LYS A 156 18.74 -12.04 -20.23
C LYS A 156 18.76 -13.54 -20.50
N GLY A 157 19.46 -14.28 -19.64
CA GLY A 157 19.57 -15.72 -19.79
C GLY A 157 18.57 -16.48 -18.94
N ASP A 158 18.77 -17.79 -18.83
CA ASP A 158 17.84 -18.64 -18.10
C ASP A 158 18.00 -18.52 -16.59
N GLU A 159 19.11 -17.92 -16.15
CA GLU A 159 19.37 -17.73 -14.74
C GLU A 159 18.32 -16.84 -14.10
N PRO A 160 17.93 -17.14 -12.86
CA PRO A 160 17.01 -16.29 -12.10
C PRO A 160 17.77 -15.17 -11.40
N ILE A 161 18.71 -14.55 -12.12
CA ILE A 161 19.59 -13.56 -11.53
C ILE A 161 19.39 -12.17 -12.12
N LEU A 162 19.03 -11.23 -11.24
CA LEU A 162 18.89 -9.83 -11.62
C LEU A 162 20.23 -9.11 -11.46
N LYS A 163 20.49 -8.16 -12.35
CA LYS A 163 21.70 -7.34 -12.23
C LYS A 163 21.34 -5.87 -12.39
N PRO A 164 20.84 -5.25 -11.31
CA PRO A 164 20.46 -3.83 -11.33
C PRO A 164 21.66 -2.94 -11.58
N SER A 165 21.42 -1.73 -12.10
CA SER A 165 22.50 -0.80 -12.36
C SER A 165 23.07 -0.26 -11.06
N LEU A 166 24.31 0.19 -11.12
CA LEU A 166 24.95 0.82 -9.96
C LEU A 166 24.16 2.04 -9.53
N PHE A 167 23.59 2.73 -10.51
CA PHE A 167 22.76 3.90 -10.24
C PHE A 167 21.50 3.51 -9.48
N ALA A 168 20.80 2.49 -9.99
CA ALA A 168 19.59 1.97 -9.35
C ALA A 168 19.86 1.55 -7.91
N TYR A 169 21.04 0.98 -7.68
CA TYR A 169 21.45 0.59 -6.34
C TYR A 169 21.69 1.82 -5.48
N ILE A 170 22.37 2.81 -6.04
CA ILE A 170 22.70 4.03 -5.32
C ILE A 170 21.44 4.82 -4.95
N VAL A 171 20.50 4.90 -5.88
CA VAL A 171 19.22 5.57 -5.61
C VAL A 171 18.49 4.85 -4.47
N PHE A 172 18.60 3.53 -4.44
CA PHE A 172 18.01 2.75 -3.36
C PHE A 172 18.60 3.14 -2.01
N LEU A 173 19.92 3.25 -1.95
CA LEU A 173 20.61 3.71 -0.75
C LEU A 173 20.12 5.10 -0.35
N ILE A 174 19.89 5.94 -1.35
CA ILE A 174 19.39 7.30 -1.11
C ILE A 174 17.95 7.28 -0.62
N THR A 175 17.13 6.43 -1.22
CA THR A 175 15.73 6.29 -0.83
C THR A 175 15.61 5.85 0.63
N MET A 176 16.42 4.86 1.00
CA MET A 176 16.48 4.38 2.37
C MET A 176 16.86 5.52 3.31
N PHE A 177 17.88 6.28 2.92
CA PHE A 177 18.35 7.40 3.71
C PHE A 177 17.25 8.45 3.93
N ILE A 178 16.47 8.69 2.88
CA ILE A 178 15.35 9.62 2.96
C ILE A 178 14.32 9.14 3.99
N ASN A 179 13.97 7.86 3.91
CA ASN A 179 13.06 7.25 4.86
C ASN A 179 13.54 7.39 6.30
N VAL A 180 14.82 7.10 6.51
CA VAL A 180 15.43 7.20 7.84
C VAL A 180 15.42 8.64 8.33
N SER A 181 15.69 9.58 7.41
CA SER A 181 15.71 11.00 7.73
C SER A 181 14.40 11.46 8.37
N ILE A 182 13.30 11.11 7.73
CA ILE A 182 11.97 11.44 8.22
C ILE A 182 11.63 10.67 9.49
N LEU A 183 11.92 9.36 9.45
CA LEU A 183 11.55 8.47 10.55
C LEU A 183 12.27 8.77 11.87
N ILE A 184 13.54 9.16 11.78
CA ILE A 184 14.35 9.35 12.97
C ILE A 184 13.94 10.61 13.74
N ARG A 185 13.16 11.47 13.09
CA ARG A 185 12.67 12.69 13.72
C ARG A 185 11.39 12.47 14.51
N GLY A 186 10.84 11.26 14.40
CA GLY A 186 9.69 10.87 15.20
C GLY A 186 8.35 11.02 14.51
N ILE A 187 7.29 10.78 15.26
CA ILE A 187 5.92 10.83 14.75
C ILE A 187 5.53 12.23 14.28
N SER A 188 5.56 13.19 15.20
CA SER A 188 5.08 14.54 14.93
C SER A 188 6.04 15.37 14.09
N LYS A 189 7.29 15.47 14.53
CA LYS A 189 8.27 16.32 13.87
C LYS A 189 8.86 15.68 12.61
N GLY A 190 8.53 14.42 12.38
CA GLY A 190 9.03 13.70 11.22
C GLY A 190 7.93 13.31 10.25
N ILE A 191 7.14 12.31 10.64
CA ILE A 191 6.08 11.79 9.78
C ILE A 191 4.96 12.81 9.55
N GLU A 192 4.41 13.31 10.65
CA GLU A 192 3.29 14.25 10.59
C GLU A 192 3.70 15.56 9.91
N ARG A 193 4.90 16.03 10.22
CA ARG A 193 5.45 17.23 9.61
C ARG A 193 5.58 17.04 8.10
N PHE A 194 6.07 15.87 7.69
CA PHE A 194 6.25 15.56 6.28
C PHE A 194 4.92 15.30 5.59
N ALA A 195 3.97 14.72 6.32
CA ALA A 195 2.64 14.43 5.78
C ALA A 195 1.91 15.72 5.43
N LYS A 196 2.22 16.79 6.15
CA LYS A 196 1.63 18.10 5.90
C LYS A 196 2.24 18.77 4.67
N ILE A 197 3.41 18.31 4.28
CA ILE A 197 4.10 18.85 3.12
C ILE A 197 3.83 18.00 1.88
N ALA A 198 3.86 16.69 2.08
CA ALA A 198 3.73 15.74 0.98
C ALA A 198 2.34 15.73 0.34
N MET A 199 1.32 15.52 1.15
CA MET A 199 -0.06 15.43 0.67
C MET A 199 -0.53 16.63 -0.17
N PRO A 200 -0.23 17.87 0.27
CA PRO A 200 -0.54 18.98 -0.62
C PRO A 200 0.28 18.90 -1.90
N THR A 201 1.60 18.68 -1.76
CA THR A 201 2.49 18.54 -2.91
C THR A 201 1.99 17.43 -3.83
N LEU A 202 1.43 16.39 -3.23
CA LEU A 202 0.87 15.28 -3.98
C LEU A 202 -0.36 15.72 -4.77
N PHE A 203 -1.27 16.42 -4.10
CA PHE A 203 -2.51 16.88 -4.72
C PHE A 203 -2.27 17.82 -5.89
N ILE A 204 -1.30 18.71 -5.73
CA ILE A 204 -0.94 19.66 -6.78
C ILE A 204 -0.42 18.94 -8.01
N LEU A 205 0.48 17.98 -7.79
CA LEU A 205 1.06 17.20 -8.88
C LEU A 205 0.00 16.40 -9.61
N ALA A 206 -0.97 15.88 -8.87
CA ALA A 206 -2.06 15.11 -9.45
C ALA A 206 -2.91 16.01 -10.34
N VAL A 207 -3.44 17.08 -9.76
CA VAL A 207 -4.28 18.03 -10.49
C VAL A 207 -3.62 18.52 -11.78
N PHE A 208 -2.34 18.88 -11.69
CA PHE A 208 -1.59 19.32 -12.85
C PHE A 208 -1.53 18.25 -13.94
N LEU A 209 -1.29 17.00 -13.53
CA LEU A 209 -1.22 15.90 -14.48
C LEU A 209 -2.61 15.60 -15.05
N VAL A 210 -3.63 15.68 -14.21
CA VAL A 210 -5.01 15.54 -14.64
C VAL A 210 -5.31 16.55 -15.74
N ILE A 211 -4.93 17.80 -15.51
CA ILE A 211 -5.18 18.89 -16.45
C ILE A 211 -4.45 18.69 -17.77
N ARG A 212 -3.17 18.33 -17.70
CA ARG A 212 -2.36 18.19 -18.90
C ARG A 212 -2.81 16.98 -19.72
N VAL A 213 -3.33 15.95 -19.05
CA VAL A 213 -3.81 14.74 -19.72
C VAL A 213 -5.11 15.00 -20.49
N PHE A 214 -6.01 15.79 -19.91
CA PHE A 214 -7.27 16.12 -20.56
C PHE A 214 -7.04 16.92 -21.85
N LEU A 215 -5.87 17.54 -21.95
CA LEU A 215 -5.52 18.32 -23.13
C LEU A 215 -4.79 17.48 -24.18
N LEU A 216 -4.51 16.23 -23.84
CA LEU A 216 -3.81 15.34 -24.77
C LEU A 216 -4.68 14.96 -25.97
N GLU A 217 -4.21 15.35 -27.15
CA GLU A 217 -4.89 15.00 -28.39
C GLU A 217 -3.92 14.41 -29.40
N THR A 218 -4.22 13.20 -29.85
CA THR A 218 -3.43 12.53 -30.88
C THR A 218 -4.37 12.06 -31.97
N PRO A 219 -3.83 11.77 -33.17
CA PRO A 219 -4.64 11.20 -34.26
C PRO A 219 -5.33 9.89 -33.88
N ASN A 220 -4.93 9.29 -32.77
CA ASN A 220 -5.50 8.02 -32.33
C ASN A 220 -6.68 8.17 -31.37
N GLY A 221 -6.77 9.32 -30.70
CA GLY A 221 -7.86 9.58 -29.79
C GLY A 221 -7.65 10.77 -28.88
N THR A 222 -8.57 10.94 -27.94
CA THR A 222 -8.49 12.02 -26.96
C THR A 222 -8.62 11.49 -25.55
N ALA A 223 -8.48 12.37 -24.56
CA ALA A 223 -8.63 11.98 -23.17
C ALA A 223 -10.08 11.66 -22.85
N ALA A 224 -11.00 12.30 -23.58
CA ALA A 224 -12.41 12.05 -23.42
C ALA A 224 -12.73 10.60 -23.74
N ASP A 225 -12.05 10.06 -24.74
CA ASP A 225 -12.21 8.66 -25.11
C ASP A 225 -11.65 7.75 -24.03
N GLY A 226 -10.69 8.27 -23.26
CA GLY A 226 -10.12 7.55 -22.15
C GLY A 226 -11.10 7.43 -21.00
N LEU A 227 -11.62 8.58 -20.56
CA LEU A 227 -12.61 8.61 -19.50
C LEU A 227 -13.91 7.94 -19.94
N ASN A 228 -14.10 7.84 -21.25
CA ASN A 228 -15.26 7.16 -21.81
C ASN A 228 -15.15 5.66 -21.62
N PHE A 229 -14.05 5.08 -22.13
CA PHE A 229 -13.80 3.66 -22.03
C PHE A 229 -13.74 3.16 -20.59
N LEU A 230 -13.14 3.98 -19.72
CA LEU A 230 -12.95 3.59 -18.33
C LEU A 230 -14.25 3.60 -17.52
N TRP A 231 -15.10 4.59 -17.79
CA TRP A 231 -16.29 4.79 -16.95
C TRP A 231 -17.61 4.30 -17.53
N THR A 232 -17.61 3.90 -18.79
CA THR A 232 -18.82 3.33 -19.39
C THR A 232 -19.13 1.98 -18.76
N PRO A 233 -20.25 1.91 -18.02
CA PRO A 233 -20.62 0.74 -17.21
C PRO A 233 -20.99 -0.48 -18.05
N ASP A 234 -20.38 -1.62 -17.72
CA ASP A 234 -20.74 -2.89 -18.31
C ASP A 234 -21.35 -3.78 -17.24
N PHE A 235 -22.65 -3.64 -17.03
CA PHE A 235 -23.35 -4.33 -15.94
C PHE A 235 -23.40 -5.86 -16.09
N GLU A 236 -23.01 -6.35 -17.26
CA GLU A 236 -23.02 -7.78 -17.52
C GLU A 236 -21.91 -8.49 -16.74
N LYS A 237 -20.91 -7.72 -16.31
CA LYS A 237 -19.80 -8.28 -15.54
C LYS A 237 -20.10 -8.35 -14.05
N LEU A 238 -21.22 -7.76 -13.63
CA LEU A 238 -21.62 -7.80 -12.23
C LEU A 238 -22.11 -9.20 -11.84
N LYS A 239 -22.35 -10.03 -12.84
CA LYS A 239 -22.79 -11.41 -12.60
C LYS A 239 -21.61 -12.28 -12.16
N ASP A 240 -20.42 -11.92 -12.62
CA ASP A 240 -19.21 -12.64 -12.27
C ASP A 240 -18.86 -12.42 -10.80
N PRO A 241 -18.76 -13.52 -10.03
CA PRO A 241 -18.35 -13.44 -8.63
C PRO A 241 -16.94 -12.87 -8.48
N GLY A 242 -16.08 -13.15 -9.45
CA GLY A 242 -14.69 -12.69 -9.42
C GLY A 242 -14.57 -11.18 -9.39
N VAL A 243 -15.58 -10.50 -9.94
CA VAL A 243 -15.63 -9.04 -9.92
C VAL A 243 -15.92 -8.55 -8.51
N TRP A 244 -16.84 -9.23 -7.83
CA TRP A 244 -17.16 -8.91 -6.44
C TRP A 244 -16.00 -9.27 -5.52
N ILE A 245 -15.22 -10.28 -5.91
CA ILE A 245 -14.06 -10.68 -5.14
C ILE A 245 -12.93 -9.65 -5.30
N ALA A 246 -12.72 -9.20 -6.52
CA ALA A 246 -11.69 -8.21 -6.81
C ALA A 246 -11.99 -6.89 -6.12
N ALA A 247 -13.28 -6.55 -6.04
CA ALA A 247 -13.71 -5.32 -5.40
C ALA A 247 -13.40 -5.33 -3.91
N VAL A 248 -13.71 -6.45 -3.25
CA VAL A 248 -13.43 -6.61 -1.83
C VAL A 248 -11.94 -6.59 -1.57
N GLY A 249 -11.20 -7.29 -2.43
CA GLY A 249 -9.75 -7.31 -2.34
C GLY A 249 -9.15 -5.94 -2.58
N GLN A 250 -9.74 -5.19 -3.51
CA GLN A 250 -9.25 -3.86 -3.86
C GLN A 250 -9.37 -2.88 -2.68
N ILE A 251 -10.45 -3.00 -1.93
CA ILE A 251 -10.69 -2.11 -0.79
C ILE A 251 -9.66 -2.33 0.33
N PHE A 252 -9.35 -3.60 0.59
CA PHE A 252 -8.29 -3.97 1.52
C PHE A 252 -7.00 -3.30 1.07
N PHE A 253 -6.63 -3.53 -0.20
CA PHE A 253 -5.45 -2.94 -0.78
C PHE A 253 -5.49 -1.40 -0.78
N SER A 254 -6.61 -0.84 -1.21
CA SER A 254 -6.77 0.62 -1.25
C SER A 254 -6.56 1.27 0.11
N LEU A 255 -7.21 0.74 1.15
CA LEU A 255 -7.15 1.35 2.47
C LEU A 255 -5.93 0.96 3.29
N GLY A 256 -5.23 -0.09 2.87
CA GLY A 256 -4.06 -0.56 3.58
C GLY A 256 -4.42 -1.36 4.82
N LEU A 257 -5.52 -2.11 4.73
CA LEU A 257 -5.98 -2.93 5.85
C LEU A 257 -5.28 -4.28 5.87
N GLY A 258 -5.00 -4.78 7.07
CA GLY A 258 -4.43 -6.10 7.25
C GLY A 258 -2.92 -6.14 7.22
N PHE A 259 -2.29 -4.98 7.40
CA PHE A 259 -0.84 -4.90 7.38
C PHE A 259 -0.30 -4.38 8.71
N GLY A 260 -1.22 -4.18 9.66
CA GLY A 260 -0.89 -3.69 10.98
C GLY A 260 -0.32 -2.28 11.02
N VAL A 261 -0.47 -1.53 9.93
CA VAL A 261 0.10 -0.20 9.83
C VAL A 261 -0.76 0.85 10.53
N LEU A 262 -2.06 0.79 10.29
CA LEU A 262 -3.04 1.65 10.95
C LEU A 262 -2.98 1.54 12.47
N ILE A 263 -3.00 0.29 12.94
CA ILE A 263 -2.90 -0.04 14.35
C ILE A 263 -1.72 0.65 15.06
N THR A 264 -0.55 0.66 14.42
CA THR A 264 0.61 1.33 14.99
C THR A 264 0.39 2.85 15.02
N PHE A 265 -0.15 3.40 13.94
CA PHE A 265 -0.45 4.83 13.85
C PHE A 265 -1.50 5.27 14.87
N ALA A 266 -2.62 4.55 14.94
CA ALA A 266 -3.70 4.89 15.86
C ALA A 266 -3.26 4.82 17.32
N SER A 267 -2.20 4.07 17.59
CA SER A 267 -1.67 3.95 18.95
C SER A 267 -0.95 5.22 19.42
N TYR A 268 -0.80 6.18 18.51
CA TYR A 268 -0.24 7.48 18.89
C TYR A 268 -1.35 8.52 19.06
N VAL A 269 -2.58 8.09 18.79
CA VAL A 269 -3.76 8.89 19.09
C VAL A 269 -4.10 8.74 20.57
N ARG A 270 -4.38 9.86 21.23
CA ARG A 270 -4.62 9.86 22.68
C ARG A 270 -5.88 9.07 23.07
N LYS A 271 -5.97 8.76 24.37
CA LYS A 271 -6.97 7.83 24.90
C LYS A 271 -8.42 8.16 24.56
N ASP A 272 -8.76 9.44 24.52
CA ASP A 272 -10.15 9.86 24.34
C ASP A 272 -10.39 10.67 23.06
N GLN A 273 -9.37 10.75 22.21
CA GLN A 273 -9.48 11.49 20.96
C GLN A 273 -10.30 10.71 19.93
N ASP A 274 -11.02 11.43 19.06
CA ASP A 274 -11.89 10.80 18.07
C ASP A 274 -11.14 9.93 17.06
N ILE A 275 -11.68 8.75 16.79
CA ILE A 275 -11.13 7.86 15.78
C ILE A 275 -12.19 7.50 14.74
N VAL A 276 -13.45 7.76 15.07
CA VAL A 276 -14.55 7.47 14.16
C VAL A 276 -14.55 8.41 12.96
N LEU A 277 -14.68 9.71 13.23
CA LEU A 277 -14.74 10.70 12.16
C LEU A 277 -13.38 10.90 11.49
N SER A 278 -12.32 10.85 12.29
CA SER A 278 -10.96 11.04 11.79
C SER A 278 -10.61 9.97 10.76
N GLY A 279 -10.95 8.73 11.07
CA GLY A 279 -10.72 7.62 10.16
C GLY A 279 -11.54 7.74 8.89
N LEU A 280 -12.84 8.00 9.06
CA LEU A 280 -13.76 8.13 7.94
C LEU A 280 -13.33 9.23 6.98
N THR A 281 -12.59 10.20 7.50
CA THR A 281 -12.08 11.30 6.69
C THR A 281 -10.88 10.86 5.85
N ALA A 282 -9.90 10.24 6.52
CA ALA A 282 -8.69 9.79 5.85
C ALA A 282 -9.00 8.70 4.83
N ALA A 283 -10.03 7.92 5.10
CA ALA A 283 -10.46 6.86 4.19
C ALA A 283 -11.07 7.46 2.93
N THR A 284 -11.85 8.52 3.11
CA THR A 284 -12.53 9.16 1.99
C THR A 284 -11.55 9.90 1.09
N LEU A 285 -10.53 10.49 1.70
CA LEU A 285 -9.48 11.18 0.97
C LEU A 285 -8.81 10.26 -0.04
N ASN A 286 -8.49 9.06 0.40
CA ASN A 286 -7.88 8.05 -0.46
C ASN A 286 -8.80 7.68 -1.63
N GLU A 287 -10.07 7.44 -1.33
CA GLU A 287 -11.03 7.04 -2.33
C GLU A 287 -11.24 8.14 -3.38
N LYS A 288 -11.28 9.39 -2.90
CA LYS A 288 -11.38 10.53 -3.80
C LYS A 288 -10.16 10.59 -4.70
N ALA A 289 -8.99 10.43 -4.11
CA ALA A 289 -7.73 10.43 -4.85
C ALA A 289 -7.70 9.35 -5.92
N SER A 290 -8.35 8.22 -5.64
CA SER A 290 -8.37 7.11 -6.58
C SER A 290 -9.34 7.34 -7.74
N VAL A 291 -10.59 7.67 -7.42
CA VAL A 291 -11.62 7.80 -8.44
C VAL A 291 -11.52 9.10 -9.25
N ILE A 292 -11.07 10.17 -8.60
CA ILE A 292 -11.04 11.49 -9.22
C ILE A 292 -9.71 11.78 -9.91
N LEU A 293 -8.61 11.52 -9.20
CA LEU A 293 -7.29 11.84 -9.70
C LEU A 293 -6.64 10.65 -10.41
N GLY A 294 -6.60 9.51 -9.73
CA GLY A 294 -5.93 8.33 -10.24
C GLY A 294 -6.49 7.78 -11.52
N GLY A 295 -7.81 7.75 -11.64
CA GLY A 295 -8.46 7.23 -12.83
C GLY A 295 -8.63 8.28 -13.91
N SER A 296 -7.96 9.40 -13.75
CA SER A 296 -8.06 10.50 -14.71
C SER A 296 -6.73 10.79 -15.39
N ILE A 297 -5.68 10.09 -14.98
CA ILE A 297 -4.35 10.32 -15.51
C ILE A 297 -3.86 9.17 -16.38
N SER A 298 -3.61 8.03 -15.75
CA SER A 298 -2.98 6.88 -16.40
C SER A 298 -3.77 6.34 -17.59
N ILE A 299 -4.94 5.79 -17.32
CA ILE A 299 -5.80 5.21 -18.38
C ILE A 299 -6.20 6.18 -19.50
N PRO A 300 -6.65 7.40 -19.17
CA PRO A 300 -6.99 8.32 -20.26
C PRO A 300 -5.79 8.60 -21.18
N ALA A 301 -4.65 8.93 -20.59
CA ALA A 301 -3.45 9.22 -21.37
C ALA A 301 -3.01 8.03 -22.21
N ALA A 302 -3.33 6.83 -21.74
CA ALA A 302 -3.00 5.62 -22.47
C ALA A 302 -3.92 5.44 -23.68
N VAL A 303 -5.20 5.71 -23.49
CA VAL A 303 -6.20 5.60 -24.55
C VAL A 303 -6.05 6.76 -25.53
N ALA A 304 -5.73 7.95 -25.02
CA ALA A 304 -5.58 9.13 -25.85
C ALA A 304 -4.48 8.95 -26.90
N PHE A 305 -3.41 8.25 -26.53
CA PHE A 305 -2.26 8.09 -27.41
C PHE A 305 -2.38 6.87 -28.32
N PHE A 306 -2.85 5.76 -27.77
CA PHE A 306 -2.91 4.51 -28.52
C PHE A 306 -4.29 4.23 -29.13
N GLY A 307 -5.30 4.98 -28.68
CA GLY A 307 -6.64 4.80 -29.21
C GLY A 307 -7.47 3.89 -28.33
N VAL A 308 -8.79 3.99 -28.46
CA VAL A 308 -9.71 3.17 -27.68
C VAL A 308 -9.70 1.72 -28.19
N ALA A 309 -9.07 1.52 -29.35
CA ALA A 309 -8.97 0.19 -29.94
C ALA A 309 -8.02 -0.71 -29.15
N ASN A 310 -7.03 -0.10 -28.50
CA ASN A 310 -6.06 -0.85 -27.72
C ASN A 310 -6.32 -0.76 -26.23
N ALA A 311 -7.42 -0.11 -25.86
CA ALA A 311 -7.76 0.14 -24.46
C ALA A 311 -7.86 -1.14 -23.64
N VAL A 312 -8.39 -2.19 -24.25
CA VAL A 312 -8.49 -3.49 -23.59
C VAL A 312 -7.12 -4.11 -23.41
N ALA A 313 -6.31 -4.04 -24.47
CA ALA A 313 -4.96 -4.58 -24.44
C ALA A 313 -4.09 -3.87 -23.41
N ILE A 314 -4.29 -2.56 -23.28
CA ILE A 314 -3.53 -1.75 -22.32
C ILE A 314 -3.87 -2.15 -20.89
N ALA A 315 -5.16 -2.29 -20.60
CA ALA A 315 -5.61 -2.67 -19.27
C ALA A 315 -5.15 -4.08 -18.90
N LYS A 316 -5.14 -4.98 -19.89
CA LYS A 316 -4.70 -6.35 -19.66
C LYS A 316 -3.18 -6.43 -19.50
N ALA A 317 -2.48 -5.40 -19.95
CA ALA A 317 -1.02 -5.37 -19.88
C ALA A 317 -0.53 -5.20 -18.44
N GLY A 318 -1.46 -4.91 -17.54
CA GLY A 318 -1.14 -4.77 -16.12
C GLY A 318 -0.85 -3.33 -15.73
N ALA A 319 -0.97 -3.04 -14.44
CA ALA A 319 -0.76 -1.70 -13.93
C ALA A 319 0.72 -1.29 -13.98
N PHE A 320 1.60 -2.27 -13.82
CA PHE A 320 3.05 -1.99 -13.81
C PHE A 320 3.56 -1.52 -15.16
N ASN A 321 3.18 -2.22 -16.23
CA ASN A 321 3.54 -1.82 -17.59
C ASN A 321 2.98 -0.44 -17.91
N LEU A 322 1.78 -0.17 -17.43
CA LEU A 322 1.09 1.09 -17.68
C LEU A 322 1.86 2.28 -17.12
N GLY A 323 2.55 2.08 -16.00
CA GLY A 323 3.19 3.17 -15.29
C GLY A 323 4.69 3.26 -15.41
N PHE A 324 5.33 2.22 -15.93
CA PHE A 324 6.79 2.20 -16.03
C PHE A 324 7.30 2.01 -17.45
N ILE A 325 6.39 1.63 -18.35
CA ILE A 325 6.74 1.48 -19.75
C ILE A 325 5.82 2.32 -20.63
N THR A 326 4.52 2.07 -20.54
CA THR A 326 3.52 2.73 -21.37
C THR A 326 3.51 4.25 -21.24
N LEU A 327 3.26 4.74 -20.03
CA LEU A 327 3.23 6.19 -19.79
C LEU A 327 4.57 6.93 -20.03
N PRO A 328 5.71 6.30 -19.68
CA PRO A 328 6.97 6.95 -20.07
C PRO A 328 7.13 7.05 -21.59
N ALA A 329 6.68 6.04 -22.32
CA ALA A 329 6.78 6.03 -23.77
C ALA A 329 5.87 7.10 -24.38
N ILE A 330 4.71 7.30 -23.79
CA ILE A 330 3.78 8.33 -24.23
C ILE A 330 4.37 9.70 -23.97
N PHE A 331 5.07 9.84 -22.85
CA PHE A 331 5.67 11.11 -22.47
C PHE A 331 6.82 11.53 -23.38
N SER A 332 7.52 10.56 -23.97
CA SER A 332 8.61 10.88 -24.89
C SER A 332 8.09 11.35 -26.25
N GLN A 333 6.77 11.39 -26.40
CA GLN A 333 6.15 11.76 -27.66
C GLN A 333 5.31 13.03 -27.54
N THR A 334 5.10 13.49 -26.31
CA THR A 334 4.33 14.71 -26.08
C THR A 334 5.24 15.91 -25.86
N ALA A 335 4.68 17.10 -26.08
CA ALA A 335 5.43 18.35 -25.93
C ALA A 335 5.87 18.59 -24.49
N GLY A 336 7.17 18.57 -24.26
CA GLY A 336 7.74 18.77 -22.94
C GLY A 336 7.49 17.59 -22.01
N GLY A 337 7.36 16.40 -22.59
CA GLY A 337 7.02 15.20 -21.84
C GLY A 337 8.09 14.65 -20.91
N THR A 338 9.34 15.03 -21.13
CA THR A 338 10.43 14.63 -20.26
C THR A 338 10.26 15.20 -18.86
N PHE A 339 9.65 16.39 -18.76
CA PHE A 339 9.38 17.02 -17.48
C PHE A 339 8.09 16.42 -16.95
N LEU A 340 7.24 16.00 -17.87
CA LEU A 340 6.00 15.31 -17.53
C LEU A 340 6.33 13.94 -16.98
N GLY A 341 7.36 13.31 -17.54
CA GLY A 341 7.87 12.07 -16.99
C GLY A 341 8.36 12.31 -15.56
N PHE A 342 9.10 13.39 -15.36
CA PHE A 342 9.59 13.73 -14.02
C PHE A 342 8.47 14.01 -13.02
N LEU A 343 7.44 14.73 -13.44
CA LEU A 343 6.35 15.05 -12.52
C LEU A 343 5.55 13.80 -12.18
N TRP A 344 5.52 12.86 -13.11
CA TRP A 344 4.81 11.60 -12.92
C TRP A 344 5.53 10.71 -11.91
N PHE A 345 6.84 10.54 -12.10
CA PHE A 345 7.63 9.69 -11.21
C PHE A 345 7.89 10.35 -9.86
N PHE A 346 7.84 11.67 -9.81
CA PHE A 346 7.98 12.39 -8.55
C PHE A 346 6.64 12.40 -7.81
N LEU A 347 5.55 12.29 -8.56
CA LEU A 347 4.24 12.09 -7.96
C LEU A 347 4.22 10.71 -7.30
N LEU A 348 4.74 9.72 -8.01
CA LEU A 348 4.77 8.34 -7.52
C LEU A 348 5.70 8.17 -6.33
N PHE A 349 6.88 8.78 -6.40
CA PHE A 349 7.88 8.66 -5.35
C PHE A 349 7.35 9.12 -3.99
N PHE A 350 6.65 10.25 -3.98
CA PHE A 350 6.06 10.77 -2.75
C PHE A 350 4.92 9.88 -2.26
N ALA A 351 4.12 9.39 -3.19
CA ALA A 351 3.00 8.51 -2.86
C ALA A 351 3.48 7.28 -2.11
N GLY A 352 4.59 6.71 -2.56
CA GLY A 352 5.17 5.55 -1.90
C GLY A 352 5.86 5.93 -0.61
N LEU A 353 6.56 7.04 -0.62
CA LEU A 353 7.33 7.51 0.53
C LEU A 353 6.44 7.78 1.75
N THR A 354 5.26 8.33 1.51
CA THR A 354 4.30 8.58 2.58
C THR A 354 3.74 7.26 3.11
N SER A 355 3.90 6.20 2.33
CA SER A 355 3.45 4.88 2.74
C SER A 355 4.58 4.08 3.40
N SER A 356 5.78 4.20 2.86
CA SER A 356 6.91 3.42 3.35
C SER A 356 7.36 3.86 4.74
N ILE A 357 7.21 5.14 5.05
CA ILE A 357 7.54 5.63 6.37
C ILE A 357 6.48 5.18 7.36
N ALA A 358 5.27 4.98 6.85
CA ALA A 358 4.14 4.53 7.66
C ALA A 358 4.30 3.07 8.05
N GLY A 359 4.67 2.25 7.07
CA GLY A 359 4.80 0.82 7.27
C GLY A 359 5.97 0.43 8.15
N MET A 360 7.11 1.08 7.93
CA MET A 360 8.31 0.75 8.70
C MET A 360 8.22 1.20 10.16
N GLN A 361 7.18 1.96 10.48
CA GLN A 361 6.98 2.47 11.83
C GLN A 361 6.67 1.36 12.83
N GLY A 362 5.96 0.33 12.36
CA GLY A 362 5.57 -0.79 13.20
C GLY A 362 6.74 -1.46 13.88
N MET A 363 7.81 -1.69 13.12
CA MET A 363 9.02 -2.32 13.65
C MET A 363 9.78 -1.35 14.55
N ILE A 364 9.71 -0.06 14.22
CA ILE A 364 10.29 0.98 15.05
C ILE A 364 9.57 1.06 16.38
N ALA A 365 8.23 0.98 16.32
CA ALA A 365 7.41 1.00 17.51
C ALA A 365 7.69 -0.18 18.44
N PHE A 366 7.86 -1.36 17.84
CA PHE A 366 8.11 -2.58 18.62
C PHE A 366 9.41 -2.48 19.41
N LEU A 367 10.47 -2.05 18.73
CA LEU A 367 11.78 -1.94 19.36
C LEU A 367 11.74 -0.92 20.50
N GLU A 368 10.86 0.06 20.38
CA GLU A 368 10.67 1.07 21.42
C GLU A 368 9.79 0.56 22.55
N ASP A 369 8.59 0.12 22.19
CA ASP A 369 7.59 -0.23 23.20
C ASP A 369 7.89 -1.50 23.97
N GLU A 370 8.56 -2.45 23.33
CA GLU A 370 8.73 -3.77 23.92
C GLU A 370 10.18 -4.09 24.31
N LEU A 371 11.12 -3.61 23.51
CA LEU A 371 12.54 -3.84 23.80
C LEU A 371 13.20 -2.60 24.36
N LYS A 372 12.41 -1.53 24.53
CA LYS A 372 12.88 -0.28 25.12
C LYS A 372 14.12 0.29 24.46
N LEU A 373 14.15 0.27 23.12
CA LEU A 373 15.23 0.87 22.36
C LEU A 373 14.92 2.33 22.09
N SER A 374 15.96 3.16 22.03
CA SER A 374 15.80 4.56 21.70
C SER A 374 15.26 4.68 20.28
N ARG A 375 14.65 5.82 19.96
CA ARG A 375 14.08 6.00 18.63
C ARG A 375 15.15 5.92 17.55
N LYS A 376 16.34 6.42 17.86
CA LYS A 376 17.47 6.35 16.93
C LYS A 376 17.82 4.90 16.59
N HIS A 377 18.01 4.10 17.64
CA HIS A 377 18.36 2.70 17.47
C HIS A 377 17.25 1.93 16.77
N ALA A 378 16.01 2.22 17.16
CA ALA A 378 14.85 1.54 16.60
C ALA A 378 14.73 1.77 15.10
N VAL A 379 15.08 2.97 14.66
CA VAL A 379 15.02 3.31 13.24
C VAL A 379 16.22 2.73 12.50
N LEU A 380 17.40 2.81 13.10
CA LEU A 380 18.63 2.34 12.47
C LEU A 380 18.68 0.82 12.29
N TRP A 381 18.13 0.08 13.25
CA TRP A 381 18.07 -1.37 13.12
C TRP A 381 16.96 -1.79 12.15
N THR A 382 15.81 -1.14 12.24
CA THR A 382 14.71 -1.39 11.31
C THR A 382 15.17 -1.11 9.88
N ALA A 383 15.88 0.00 9.70
CA ALA A 383 16.44 0.34 8.40
C ALA A 383 17.45 -0.72 8.00
N ALA A 384 18.25 -1.19 8.97
CA ALA A 384 19.26 -2.20 8.71
C ALA A 384 18.62 -3.50 8.22
N ILE A 385 17.54 -3.90 8.87
CA ILE A 385 16.85 -5.14 8.51
C ILE A 385 16.23 -5.08 7.12
N VAL A 386 15.49 -4.02 6.85
CA VAL A 386 14.83 -3.84 5.55
C VAL A 386 15.86 -3.70 4.44
N PHE A 387 16.97 -3.02 4.72
CA PHE A 387 18.05 -2.87 3.75
C PHE A 387 18.66 -4.21 3.39
N PHE A 388 18.99 -5.00 4.41
CA PHE A 388 19.57 -6.32 4.20
C PHE A 388 18.65 -7.21 3.38
N SER A 389 17.42 -7.37 3.85
CA SER A 389 16.46 -8.27 3.22
C SER A 389 16.14 -7.87 1.79
N ALA A 390 16.30 -6.59 1.48
CA ALA A 390 15.99 -6.08 0.15
C ALA A 390 16.93 -6.63 -0.91
N HIS A 391 18.14 -7.00 -0.51
CA HIS A 391 19.12 -7.57 -1.42
C HIS A 391 18.61 -8.85 -2.10
N LEU A 392 17.69 -9.52 -1.43
CA LEU A 392 17.04 -10.69 -1.99
C LEU A 392 16.14 -10.25 -3.14
N VAL A 393 15.39 -9.17 -2.92
CA VAL A 393 14.51 -8.62 -3.94
C VAL A 393 15.31 -8.10 -5.14
N MET A 394 16.41 -7.41 -4.86
CA MET A 394 17.23 -6.78 -5.88
C MET A 394 17.98 -7.75 -6.79
N PHE A 395 18.38 -8.90 -6.26
CA PHE A 395 19.26 -9.81 -7.01
C PHE A 395 18.61 -11.12 -7.45
N LEU A 396 17.62 -11.60 -6.71
CA LEU A 396 16.96 -12.84 -7.05
C LEU A 396 15.68 -12.59 -7.85
N ASN A 397 15.64 -13.09 -9.07
CA ASN A 397 14.47 -12.92 -9.93
C ASN A 397 13.23 -13.59 -9.34
N LYS A 398 12.11 -12.87 -9.39
CA LYS A 398 10.81 -13.35 -8.92
C LYS A 398 10.69 -13.49 -7.40
N SER A 399 11.75 -13.15 -6.67
CA SER A 399 11.68 -13.12 -5.22
C SER A 399 10.64 -12.09 -4.78
N LEU A 400 10.61 -10.98 -5.51
CA LEU A 400 9.65 -9.89 -5.30
C LEU A 400 8.21 -10.41 -5.32
N ASP A 401 7.90 -11.24 -6.30
CA ASP A 401 6.56 -11.78 -6.46
C ASP A 401 6.21 -12.71 -5.30
N GLU A 402 7.17 -13.54 -4.89
CA GLU A 402 6.95 -14.49 -3.82
C GLU A 402 6.64 -13.80 -2.50
N MET A 403 7.36 -12.71 -2.24
CA MET A 403 7.13 -11.93 -1.03
C MET A 403 5.77 -11.26 -1.06
N ASP A 404 5.42 -10.68 -2.21
CA ASP A 404 4.14 -10.01 -2.38
C ASP A 404 2.98 -10.98 -2.21
N PHE A 405 3.15 -12.17 -2.77
CA PHE A 405 2.12 -13.20 -2.67
C PHE A 405 1.83 -13.55 -1.21
N TRP A 406 2.90 -13.86 -0.47
CA TRP A 406 2.75 -14.30 0.91
C TRP A 406 2.38 -13.18 1.87
N ALA A 407 3.03 -12.02 1.71
CA ALA A 407 2.77 -10.90 2.60
C ALA A 407 1.36 -10.35 2.41
N THR A 408 1.04 -9.98 1.18
CA THR A 408 -0.27 -9.39 0.89
C THR A 408 -1.37 -10.46 0.92
N GLY A 409 -1.04 -11.65 0.45
CA GLY A 409 -1.99 -12.75 0.44
C GLY A 409 -2.45 -13.08 1.85
N ILE A 410 -1.52 -13.49 2.70
CA ILE A 410 -1.84 -13.79 4.08
C ILE A 410 -2.29 -12.54 4.82
N GLY A 411 -1.66 -11.41 4.50
CA GLY A 411 -1.96 -10.15 5.15
C GLY A 411 -3.41 -9.70 5.05
N VAL A 412 -3.96 -9.69 3.84
CA VAL A 412 -5.32 -9.21 3.65
C VAL A 412 -6.36 -10.31 3.84
N VAL A 413 -5.97 -11.56 3.58
CA VAL A 413 -6.92 -12.67 3.56
C VAL A 413 -7.01 -13.46 4.87
N PHE A 414 -5.91 -13.49 5.63
CA PHE A 414 -5.90 -14.16 6.92
C PHE A 414 -5.97 -13.14 8.06
N PHE A 415 -4.94 -12.30 8.14
CA PHE A 415 -4.71 -11.45 9.31
C PHE A 415 -5.82 -10.43 9.58
N GLY A 416 -6.44 -9.92 8.52
CA GLY A 416 -7.53 -8.97 8.67
C GLY A 416 -8.72 -9.58 9.37
N LEU A 417 -9.00 -10.84 9.06
CA LEU A 417 -10.10 -11.56 9.70
C LEU A 417 -9.77 -11.84 11.16
N THR A 418 -8.49 -12.10 11.42
CA THR A 418 -8.02 -12.36 12.78
C THR A 418 -8.25 -11.15 13.68
N GLU A 419 -8.10 -9.97 13.11
CA GLU A 419 -8.35 -8.73 13.83
C GLU A 419 -9.81 -8.62 14.24
N LEU A 420 -10.70 -9.01 13.34
CA LEU A 420 -12.12 -9.02 13.62
C LEU A 420 -12.44 -9.93 14.80
N ILE A 421 -12.06 -11.20 14.68
CA ILE A 421 -12.40 -12.21 15.67
C ILE A 421 -11.83 -11.89 17.05
N ILE A 422 -10.54 -11.56 17.10
CA ILE A 422 -9.89 -11.26 18.37
C ILE A 422 -10.54 -10.08 19.09
N PHE A 423 -10.78 -9.00 18.36
CA PHE A 423 -11.33 -7.77 18.92
C PHE A 423 -12.84 -7.85 19.16
N PHE A 424 -13.55 -8.42 18.20
CA PHE A 424 -15.00 -8.31 18.17
C PHE A 424 -15.72 -9.58 18.60
N TRP A 425 -14.97 -10.69 18.69
CA TRP A 425 -15.55 -11.97 19.04
C TRP A 425 -14.88 -12.61 20.26
N ILE A 426 -13.59 -12.32 20.44
CA ILE A 426 -12.87 -12.84 21.61
C ILE A 426 -12.87 -11.82 22.74
N PHE A 427 -12.53 -10.59 22.39
CA PHE A 427 -12.48 -9.50 23.36
C PHE A 427 -13.88 -9.09 23.79
N GLY A 428 -14.87 -9.41 22.96
CA GLY A 428 -16.25 -9.07 23.26
C GLY A 428 -16.74 -7.92 22.40
N ALA A 429 -17.86 -8.15 21.71
CA ALA A 429 -18.41 -7.17 20.78
C ALA A 429 -18.81 -5.85 21.44
N ASP A 430 -19.46 -5.95 22.60
CA ASP A 430 -19.93 -4.77 23.32
C ASP A 430 -18.78 -3.91 23.86
N LYS A 431 -17.79 -4.57 24.45
CA LYS A 431 -16.60 -3.88 24.95
C LYS A 431 -15.86 -3.25 23.78
N ALA A 432 -15.95 -3.91 22.63
CA ALA A 432 -15.29 -3.47 21.41
C ALA A 432 -15.96 -2.22 20.84
N TRP A 433 -17.29 -2.28 20.77
CA TRP A 433 -18.10 -1.20 20.20
C TRP A 433 -17.93 0.10 20.97
N GLU A 434 -17.80 -0.01 22.29
CA GLU A 434 -17.59 1.15 23.13
C GLU A 434 -16.20 1.74 22.90
N GLU A 435 -15.24 0.87 22.61
CA GLU A 435 -13.86 1.30 22.37
C GLU A 435 -13.74 2.08 21.07
N ILE A 436 -14.61 1.77 20.11
CA ILE A 436 -14.60 2.47 18.83
C ILE A 436 -15.27 3.83 18.96
N ASN A 437 -16.44 3.86 19.60
CA ASN A 437 -17.25 5.07 19.68
C ASN A 437 -16.78 6.09 20.73
N ARG A 438 -16.01 5.62 21.71
CA ARG A 438 -15.58 6.48 22.81
C ARG A 438 -14.77 7.69 22.35
N GLY A 439 -15.21 8.88 22.76
CA GLY A 439 -14.52 10.11 22.41
C GLY A 439 -14.75 10.53 20.97
N GLY A 440 -15.64 9.82 20.28
CA GLY A 440 -15.92 10.09 18.88
C GLY A 440 -16.78 11.32 18.67
N ILE A 441 -16.32 12.20 17.79
CA ILE A 441 -17.07 13.40 17.40
C ILE A 441 -18.47 13.01 16.97
N ILE A 442 -18.54 12.06 16.04
CA ILE A 442 -19.80 11.45 15.65
C ILE A 442 -19.75 9.99 16.06
N LYS A 443 -20.93 9.37 16.17
CA LYS A 443 -21.01 7.98 16.58
C LYS A 443 -21.21 7.06 15.39
N VAL A 444 -20.71 5.84 15.49
CA VAL A 444 -20.89 4.84 14.45
C VAL A 444 -22.35 4.40 14.41
N PRO A 445 -22.96 4.40 13.22
CA PRO A 445 -24.34 3.98 12.99
C PRO A 445 -24.63 2.62 13.64
N ARG A 446 -25.80 2.50 14.25
CA ARG A 446 -26.16 1.30 15.01
C ARG A 446 -26.19 0.05 14.15
N ILE A 447 -26.36 0.22 12.85
CA ILE A 447 -26.45 -0.90 11.92
C ILE A 447 -25.09 -1.58 11.73
N TYR A 448 -24.01 -0.81 11.92
CA TYR A 448 -22.66 -1.33 11.71
C TYR A 448 -22.25 -2.40 12.72
N TYR A 449 -22.96 -2.46 13.85
CA TYR A 449 -22.69 -3.47 14.87
C TYR A 449 -22.91 -4.87 14.32
N TYR A 450 -23.86 -4.98 13.38
CA TYR A 450 -24.17 -6.25 12.76
C TYR A 450 -23.24 -6.52 11.59
N VAL A 451 -22.80 -5.45 10.95
CA VAL A 451 -21.86 -5.55 9.83
C VAL A 451 -20.49 -5.97 10.34
N MET A 452 -20.06 -5.36 11.44
CA MET A 452 -18.77 -5.68 12.04
C MET A 452 -18.74 -7.11 12.58
N ARG A 453 -19.84 -7.55 13.16
CA ARG A 453 -19.89 -8.82 13.86
C ARG A 453 -20.15 -10.00 12.92
N TYR A 454 -20.86 -9.76 11.83
CA TYR A 454 -21.25 -10.84 10.93
C TYR A 454 -20.86 -10.58 9.48
N ILE A 455 -21.34 -9.49 8.92
CA ILE A 455 -21.14 -9.20 7.51
C ILE A 455 -19.66 -9.08 7.15
N THR A 456 -18.91 -8.32 7.94
CA THR A 456 -17.48 -8.14 7.68
C THR A 456 -16.69 -9.46 7.76
N PRO A 457 -16.82 -10.23 8.86
CA PRO A 457 -16.07 -11.50 8.87
C PRO A 457 -16.60 -12.53 7.88
N ALA A 458 -17.88 -12.45 7.51
CA ALA A 458 -18.43 -13.37 6.53
C ALA A 458 -17.78 -13.13 5.17
N PHE A 459 -17.66 -11.86 4.79
CA PHE A 459 -16.95 -11.50 3.57
C PHE A 459 -15.49 -11.93 3.64
N LEU A 460 -14.83 -11.61 4.75
CA LEU A 460 -13.41 -11.92 4.90
C LEU A 460 -13.14 -13.41 4.85
N ALA A 461 -14.13 -14.20 5.27
CA ALA A 461 -14.02 -15.65 5.19
C ALA A 461 -14.10 -16.11 3.74
N VAL A 462 -15.02 -15.50 2.98
CA VAL A 462 -15.22 -15.85 1.58
C VAL A 462 -14.04 -15.44 0.72
N LEU A 463 -13.55 -14.21 0.92
CA LEU A 463 -12.37 -13.74 0.20
C LEU A 463 -11.19 -14.67 0.48
N LEU A 464 -11.09 -15.14 1.71
CA LEU A 464 -10.06 -16.10 2.10
C LEU A 464 -10.24 -17.40 1.34
N VAL A 465 -11.43 -17.99 1.44
CA VAL A 465 -11.72 -19.29 0.85
C VAL A 465 -11.56 -19.35 -0.67
N VAL A 466 -12.21 -18.42 -1.38
CA VAL A 466 -12.03 -18.30 -2.83
C VAL A 466 -10.56 -18.11 -3.17
N TRP A 467 -9.88 -17.25 -2.41
CA TRP A 467 -8.43 -17.14 -2.51
C TRP A 467 -7.80 -18.48 -2.21
N ALA A 468 -8.24 -19.10 -1.14
CA ALA A 468 -7.73 -20.42 -0.78
C ALA A 468 -7.90 -21.42 -1.92
N ARG A 469 -9.15 -21.67 -2.30
CA ARG A 469 -9.47 -22.65 -3.33
C ARG A 469 -8.76 -22.43 -4.67
N GLU A 470 -8.33 -21.20 -4.96
CA GLU A 470 -7.57 -20.96 -6.19
C GLU A 470 -6.03 -21.01 -6.04
N TYR A 471 -5.52 -20.47 -4.93
CA TYR A 471 -4.08 -20.30 -4.76
C TYR A 471 -3.37 -21.46 -4.02
N ILE A 472 -4.12 -22.16 -3.18
CA ILE A 472 -3.59 -23.36 -2.54
C ILE A 472 -3.08 -24.39 -3.57
N PRO A 473 -3.82 -24.60 -4.70
CA PRO A 473 -3.18 -25.45 -5.71
C PRO A 473 -2.03 -24.76 -6.45
N LYS A 474 -2.20 -23.48 -6.78
CA LYS A 474 -1.20 -22.70 -7.50
C LYS A 474 0.00 -22.31 -6.64
N HIS A 480 9.10 -22.89 -9.65
CA HIS A 480 10.54 -23.09 -9.78
C HIS A 480 11.19 -23.18 -8.40
N TRP A 481 12.33 -23.87 -8.33
CA TRP A 481 12.93 -24.19 -7.03
C TRP A 481 13.46 -22.97 -6.27
N THR A 482 13.73 -21.88 -6.97
CA THR A 482 14.31 -20.71 -6.33
C THR A 482 13.31 -19.93 -5.47
N VAL A 483 12.03 -20.33 -5.54
CA VAL A 483 11.03 -19.69 -4.70
C VAL A 483 11.23 -20.08 -3.24
N TRP A 484 11.90 -21.21 -3.01
CA TRP A 484 12.16 -21.70 -1.67
C TRP A 484 13.19 -20.84 -0.95
N ILE A 485 14.04 -20.18 -1.72
CA ILE A 485 15.03 -19.26 -1.15
C ILE A 485 14.31 -18.10 -0.45
N THR A 486 13.30 -17.57 -1.13
CA THR A 486 12.50 -16.47 -0.59
C THR A 486 11.65 -16.95 0.58
N ARG A 487 11.04 -18.12 0.42
CA ARG A 487 10.26 -18.73 1.49
C ARG A 487 11.13 -19.03 2.69
N PHE A 488 12.35 -19.52 2.44
CA PHE A 488 13.30 -19.81 3.50
C PHE A 488 13.57 -18.56 4.32
N TYR A 489 13.76 -17.43 3.64
CA TYR A 489 14.09 -16.19 4.33
C TYR A 489 12.92 -15.63 5.12
N ILE A 490 11.76 -15.52 4.48
CA ILE A 490 10.62 -14.90 5.13
C ILE A 490 10.10 -15.72 6.30
N ILE A 491 10.30 -17.03 6.24
CA ILE A 491 10.00 -17.90 7.37
C ILE A 491 11.01 -17.63 8.49
N GLY A 492 12.28 -17.47 8.09
CA GLY A 492 13.34 -17.12 9.02
C GLY A 492 13.08 -15.79 9.69
N LEU A 493 12.42 -14.89 8.98
CA LEU A 493 12.03 -13.61 9.56
C LEU A 493 10.99 -13.81 10.65
N PHE A 494 10.02 -14.70 10.40
CA PHE A 494 8.96 -14.96 11.38
C PHE A 494 9.54 -15.57 12.65
N LEU A 495 10.45 -16.52 12.49
CA LEU A 495 11.12 -17.15 13.62
C LEU A 495 11.88 -16.10 14.42
N PHE A 496 12.60 -15.24 13.70
CA PHE A 496 13.34 -14.15 14.31
C PHE A 496 12.45 -13.22 15.13
N LEU A 497 11.27 -12.91 14.58
CA LEU A 497 10.34 -12.01 15.25
C LEU A 497 9.66 -12.68 16.44
N THR A 498 9.42 -13.98 16.32
CA THR A 498 8.92 -14.77 17.44
C THR A 498 9.91 -14.64 18.58
N PHE A 499 11.19 -14.75 18.24
CA PHE A 499 12.28 -14.68 19.21
C PHE A 499 12.32 -13.33 19.92
N LEU A 500 12.11 -12.26 19.18
CA LEU A 500 12.10 -10.93 19.77
C LEU A 500 10.92 -10.76 20.72
N VAL A 501 9.75 -11.21 20.28
CA VAL A 501 8.56 -11.23 21.13
C VAL A 501 8.83 -12.06 22.38
N PHE A 502 9.52 -13.19 22.20
CA PHE A 502 9.93 -14.03 23.31
C PHE A 502 10.83 -13.25 24.28
N LEU A 503 11.84 -12.58 23.74
CA LEU A 503 12.76 -11.80 24.56
C LEU A 503 12.04 -10.64 25.24
N ALA A 504 11.00 -10.13 24.58
CA ALA A 504 10.24 -9.00 25.10
C ALA A 504 9.50 -9.34 26.40
N GLU A 505 8.90 -10.53 26.44
CA GLU A 505 8.14 -10.93 27.62
C GLU A 505 9.05 -11.40 28.75
N ARG A 506 10.28 -11.76 28.43
CA ARG A 506 11.24 -12.21 29.42
C ARG A 506 11.94 -11.04 30.12
N ARG A 507 12.02 -9.91 29.42
CA ARG A 507 12.60 -8.70 30.02
C ARG A 507 11.58 -8.07 30.96
N ARG A 508 10.30 -8.30 30.66
CA ARG A 508 9.22 -7.71 31.44
C ARG A 508 9.03 -8.44 32.77
N ASN A 509 9.34 -9.73 32.79
CA ASN A 509 9.26 -10.52 34.01
C ASN A 509 10.37 -10.13 34.99
N HIS A 510 11.50 -9.70 34.45
CA HIS A 510 12.64 -9.30 35.27
C HIS A 510 12.38 -7.95 35.96
N GLU A 511 11.71 -7.05 35.25
CA GLU A 511 11.39 -5.74 35.79
C GLU A 511 9.95 -5.71 36.31
#